data_3E3B
#
_entry.id   3E3B
#
_cell.length_a   69.813
_cell.length_b   102.126
_cell.length_c   46.618
_cell.angle_alpha   90.00
_cell.angle_beta   90.00
_cell.angle_gamma   90.00
#
_symmetry.space_group_name_H-M   'P 21 21 2'
#
loop_
_entity.id
_entity.type
_entity.pdbx_description
1 polymer "Casein kinase II subunit alpha'"
2 non-polymer '[1-(6-{6-[(1-methylethyl)amino]-1H-indazol-1-yl}pyrazin-2-yl)-1H-pyrrol-3-yl]acetic acid'
3 water water
#
_entity_poly.entity_id   1
_entity_poly.type   'polypeptide(L)'
_entity_poly.pdbx_seq_one_letter_code
;GPLGSMPGPAAGSRARVYAEVNSLRSREYWDYEAHVPSWGNQDDYQLVRKLGRGKYSEVFEAINITNNERVVVKILKPVK
KKKIKREVKILENLRGGTNIIKLIDTVKDPVSKTPALVFEYINNTDFKQLYQILTDFDIRFYMYELLKALDYCHSKGIMH
RDVKPHNVMIDHQQKKLRLIDWGLAEFYHPAQEYNVRVASRYFKGPELLVDYQMYDYSLDMWSLGCMLASMIFRREPFFH
GQDNYDQLVRIAKVLGTEELYGYLKKYHIDLDPHFNDILGQHSRKRWENFIHSENRHLVSPEALDLLDKLLRYDHQQRLT
AKEAMEHPYFYPVVKEQSQ
;
_entity_poly.pdbx_strand_id   X
#
# COMPACT_ATOMS: atom_id res chain seq x y z
N MET A 6 -29.39 11.54 3.42
CA MET A 6 -30.35 12.22 2.52
C MET A 6 -31.13 11.21 1.69
N PRO A 7 -32.42 11.51 1.35
CA PRO A 7 -33.13 10.51 0.55
C PRO A 7 -32.18 9.66 -0.29
N GLY A 8 -32.08 8.40 0.09
CA GLY A 8 -31.19 7.48 -0.59
C GLY A 8 -30.00 7.18 0.30
N PRO A 9 -30.25 6.73 1.54
CA PRO A 9 -29.24 6.39 2.54
C PRO A 9 -28.23 5.36 2.08
N ALA A 10 -27.14 5.20 2.83
CA ALA A 10 -26.09 4.24 2.50
C ALA A 10 -25.56 3.59 3.77
N ALA A 11 -25.70 2.27 3.87
CA ALA A 11 -25.22 1.56 5.05
C ALA A 11 -23.88 2.11 5.54
N GLY A 12 -22.81 1.51 5.04
CA GLY A 12 -21.47 1.92 5.42
C GLY A 12 -20.70 0.63 5.53
N SER A 13 -19.45 0.70 5.94
CA SER A 13 -18.63 -0.50 6.08
C SER A 13 -17.89 -0.43 7.39
N ARG A 14 -17.19 -1.52 7.68
CA ARG A 14 -16.39 -1.67 8.89
C ARG A 14 -15.31 -2.68 8.57
N ALA A 15 -14.17 -2.56 9.22
CA ALA A 15 -13.08 -3.48 8.97
C ALA A 15 -13.65 -4.85 9.28
N ARG A 16 -13.40 -5.80 8.40
CA ARG A 16 -13.92 -7.13 8.63
C ARG A 16 -12.96 -7.90 9.52
N VAL A 17 -11.73 -7.43 9.60
CA VAL A 17 -10.72 -8.10 10.41
C VAL A 17 -10.33 -7.52 11.76
N TYR A 18 -9.81 -6.30 11.77
CA TYR A 18 -9.39 -5.64 13.01
C TYR A 18 -10.29 -4.46 13.34
N ALA A 19 -11.54 -4.61 12.93
CA ALA A 19 -12.58 -3.62 13.13
C ALA A 19 -12.62 -2.85 14.45
N GLU A 20 -12.02 -3.38 15.51
CA GLU A 20 -12.09 -2.63 16.76
C GLU A 20 -10.78 -2.50 17.53
N VAL A 21 -9.69 -2.97 16.93
CA VAL A 21 -8.38 -2.92 17.54
C VAL A 21 -7.94 -1.68 18.33
N ASN A 22 -7.77 -0.56 17.65
CA ASN A 22 -7.36 0.68 18.33
C ASN A 22 -8.14 0.98 19.61
N SER A 23 -9.46 0.84 19.54
CA SER A 23 -10.33 1.08 20.70
C SER A 23 -9.75 0.41 21.94
N LEU A 24 -9.76 -0.91 21.93
CA LEU A 24 -9.25 -1.68 23.05
C LEU A 24 -7.79 -1.35 23.20
N ARG A 25 -7.46 -0.07 23.19
CA ARG A 25 -6.06 0.33 23.32
C ARG A 25 -5.98 1.73 23.92
N SER A 26 -4.85 2.04 24.55
CA SER A 26 -4.63 3.35 25.18
C SER A 26 -4.80 4.44 24.12
N ARG A 27 -5.36 5.58 24.49
CA ARG A 27 -5.54 6.66 23.53
C ARG A 27 -4.18 7.16 23.06
N GLU A 28 -3.23 7.22 24.00
CA GLU A 28 -1.87 7.68 23.71
C GLU A 28 -1.56 7.19 22.33
N TYR A 29 -1.72 5.88 22.17
CA TYR A 29 -1.49 5.16 20.93
C TYR A 29 -1.96 5.83 19.64
N TRP A 30 -3.27 5.85 19.41
CA TRP A 30 -3.78 6.45 18.19
C TRP A 30 -3.86 7.97 18.20
N ASP A 31 -3.70 8.59 19.38
CA ASP A 31 -3.75 10.05 19.45
C ASP A 31 -2.35 10.60 19.13
N TYR A 32 -2.09 10.73 17.83
CA TYR A 32 -0.83 11.22 17.28
C TYR A 32 -0.83 12.72 17.16
N GLU A 33 -2.00 13.32 17.29
CA GLU A 33 -2.10 14.77 17.20
C GLU A 33 -1.53 15.25 18.51
N ALA A 34 -1.36 14.31 19.43
CA ALA A 34 -0.82 14.60 20.75
C ALA A 34 0.56 13.99 20.91
N HIS A 35 1.15 13.56 19.79
CA HIS A 35 2.49 12.94 19.81
C HIS A 35 3.66 13.88 19.50
N VAL A 36 4.34 14.34 20.54
CA VAL A 36 5.48 15.23 20.36
C VAL A 36 6.76 14.45 20.47
N PRO A 37 7.30 13.99 19.35
CA PRO A 37 8.54 13.21 19.36
C PRO A 37 9.75 14.08 19.56
N SER A 38 10.84 13.46 19.95
CA SER A 38 12.10 14.17 20.18
C SER A 38 12.82 14.25 18.85
N TRP A 39 13.79 15.15 18.75
CA TRP A 39 14.55 15.33 17.51
C TRP A 39 16.07 15.39 17.68
N GLY A 40 16.77 15.17 16.58
CA GLY A 40 18.20 15.24 16.62
C GLY A 40 18.68 16.20 15.56
N ASN A 41 19.96 16.53 15.62
CA ASN A 41 20.52 17.46 14.65
C ASN A 41 20.72 16.69 13.37
N GLN A 42 21.24 17.35 12.36
CA GLN A 42 21.49 16.69 11.10
C GLN A 42 22.96 16.39 11.28
N ASP A 43 23.70 17.46 11.52
CA ASP A 43 25.15 17.46 11.74
C ASP A 43 25.77 16.09 11.89
N ASP A 44 25.07 15.20 12.57
CA ASP A 44 25.53 13.84 12.78
C ASP A 44 25.39 13.06 11.48
N TYR A 45 24.64 13.62 10.53
CA TYR A 45 24.40 12.99 9.24
C TYR A 45 24.90 13.74 8.00
N GLN A 46 25.61 13.01 7.14
CA GLN A 46 26.14 13.58 5.91
C GLN A 46 25.29 12.97 4.79
N LEU A 47 24.42 13.77 4.19
CA LEU A 47 23.56 13.32 3.09
C LEU A 47 24.37 13.16 1.80
N VAL A 48 24.81 11.93 1.54
CA VAL A 48 25.62 11.60 0.36
C VAL A 48 24.99 11.82 -1.00
N ARG A 49 24.04 10.97 -1.38
CA ARG A 49 23.39 11.12 -2.68
C ARG A 49 21.86 11.00 -2.63
N LYS A 50 21.21 12.01 -3.21
CA LYS A 50 19.75 12.09 -3.28
C LYS A 50 19.15 10.97 -4.11
N LEU A 51 18.44 10.06 -3.43
CA LEU A 51 17.81 8.94 -4.11
C LEU A 51 16.57 9.47 -4.82
N GLY A 52 15.73 10.21 -4.09
CA GLY A 52 14.52 10.75 -4.68
C GLY A 52 13.85 11.86 -3.90
N ARG A 53 12.53 11.94 -4.02
CA ARG A 53 11.70 12.96 -3.36
C ARG A 53 10.33 13.06 -4.01
N GLY A 54 9.36 13.57 -3.27
CA GLY A 54 8.03 13.71 -3.81
C GLY A 54 7.52 15.15 -3.77
N LYS A 55 6.20 15.30 -3.62
CA LYS A 55 5.60 16.62 -3.55
C LYS A 55 5.98 17.34 -2.25
N TYR A 56 6.21 16.57 -1.19
CA TYR A 56 6.59 17.19 0.08
C TYR A 56 7.93 16.76 0.66
N SER A 57 8.46 15.64 0.19
CA SER A 57 9.74 15.18 0.73
C SER A 57 10.81 14.94 -0.31
N GLU A 58 12.02 15.33 0.03
CA GLU A 58 13.17 15.16 -0.86
C GLU A 58 13.85 13.92 -0.22
N VAL A 59 14.57 13.09 -0.97
CA VAL A 59 15.17 11.92 -0.33
C VAL A 59 16.60 11.56 -0.76
N PHE A 60 17.52 11.60 0.21
CA PHE A 60 18.93 11.28 -0.04
C PHE A 60 19.49 10.05 0.64
N GLU A 61 20.69 9.69 0.19
CA GLU A 61 21.42 8.55 0.71
C GLU A 61 22.40 9.27 1.61
N ALA A 62 22.56 8.79 2.84
CA ALA A 62 23.48 9.41 3.81
C ALA A 62 24.17 8.40 4.68
N ILE A 63 25.04 8.91 5.54
CA ILE A 63 25.80 8.08 6.46
C ILE A 63 26.02 8.84 7.75
N ASN A 64 25.78 8.19 8.88
CA ASN A 64 25.94 8.82 10.19
C ASN A 64 27.39 9.18 10.49
N ILE A 65 27.74 10.44 10.28
CA ILE A 65 29.09 10.91 10.54
C ILE A 65 29.77 10.31 11.76
N THR A 66 29.04 10.26 12.86
CA THR A 66 29.58 9.73 14.09
C THR A 66 30.18 8.34 13.97
N ASN A 67 29.53 7.45 13.22
CA ASN A 67 29.99 6.06 13.04
C ASN A 67 29.85 5.52 11.64
N ASN A 68 30.39 6.24 10.66
CA ASN A 68 30.35 5.87 9.26
C ASN A 68 29.31 4.85 8.87
N GLU A 69 28.11 4.97 9.42
CA GLU A 69 27.03 4.04 9.12
C GLU A 69 26.06 4.59 8.06
N ARG A 70 26.03 3.90 6.93
CA ARG A 70 25.19 4.23 5.77
C ARG A 70 23.74 4.23 6.22
N VAL A 71 23.01 5.28 5.89
CA VAL A 71 21.60 5.34 6.28
C VAL A 71 20.83 6.19 5.28
N VAL A 72 19.50 6.16 5.36
CA VAL A 72 18.67 6.95 4.45
C VAL A 72 17.93 8.02 5.24
N VAL A 73 17.85 9.22 4.66
CA VAL A 73 17.17 10.34 5.30
C VAL A 73 16.22 11.08 4.36
N LYS A 74 15.13 11.56 4.93
CA LYS A 74 14.11 12.29 4.20
C LYS A 74 13.73 13.50 5.00
N ILE A 75 13.28 14.54 4.30
CA ILE A 75 12.88 15.79 4.93
C ILE A 75 11.66 16.31 4.21
N LEU A 76 10.96 17.24 4.85
CA LEU A 76 9.77 17.84 4.29
C LEU A 76 9.21 19.00 5.09
N LYS A 77 9.20 20.16 4.43
CA LYS A 77 8.71 21.39 4.99
C LYS A 77 7.49 21.10 5.85
N PRO A 78 7.22 21.93 6.86
CA PRO A 78 6.10 21.80 7.79
C PRO A 78 4.73 21.94 7.13
N VAL A 79 4.57 21.34 5.96
CA VAL A 79 3.31 21.39 5.23
C VAL A 79 2.18 21.38 6.24
N LYS A 80 2.03 20.25 6.93
CA LYS A 80 0.98 20.12 7.94
C LYS A 80 1.56 19.35 9.12
N LYS A 81 2.13 20.08 10.07
CA LYS A 81 2.70 19.45 11.23
C LYS A 81 1.81 18.26 11.63
N LYS A 82 0.57 18.27 11.15
CA LYS A 82 -0.35 17.19 11.45
C LYS A 82 0.18 15.92 10.80
N LYS A 83 0.21 15.92 9.47
CA LYS A 83 0.72 14.77 8.73
C LYS A 83 2.02 14.37 9.42
N ILE A 84 2.98 15.30 9.44
CA ILE A 84 4.27 15.04 10.07
C ILE A 84 4.03 14.44 11.44
N LYS A 85 3.47 15.22 12.35
CA LYS A 85 3.20 14.68 13.68
C LYS A 85 2.91 13.20 13.51
N ARG A 86 1.73 12.92 12.99
CA ARG A 86 1.26 11.56 12.78
C ARG A 86 2.22 10.58 12.07
N GLU A 87 2.68 10.90 10.87
CA GLU A 87 3.57 9.97 10.19
C GLU A 87 4.57 9.37 11.16
N VAL A 88 5.02 10.19 12.09
CA VAL A 88 5.99 9.77 13.10
C VAL A 88 5.38 8.76 14.08
N LYS A 89 4.37 9.17 14.82
CA LYS A 89 3.75 8.27 15.78
C LYS A 89 3.53 6.90 15.13
N ILE A 90 2.93 6.90 13.95
CA ILE A 90 2.68 5.65 13.25
C ILE A 90 3.93 4.77 13.15
N LEU A 91 4.97 5.32 12.54
CA LEU A 91 6.22 4.61 12.36
C LEU A 91 6.84 4.09 13.64
N GLU A 92 6.81 4.88 14.71
CA GLU A 92 7.39 4.39 15.96
C GLU A 92 6.55 3.16 16.26
N ASN A 93 5.24 3.35 16.10
CA ASN A 93 4.24 2.32 16.32
C ASN A 93 4.36 1.14 15.37
N LEU A 94 5.36 1.15 14.50
CA LEU A 94 5.51 0.04 13.59
C LEU A 94 6.83 -0.64 13.82
N ARG A 95 7.85 0.18 14.01
CA ARG A 95 9.20 -0.31 14.25
C ARG A 95 9.23 -1.72 14.86
N GLY A 96 10.11 -2.58 14.39
CA GLY A 96 10.16 -3.92 14.90
C GLY A 96 9.11 -4.75 14.22
N GLY A 97 8.68 -4.27 13.06
CA GLY A 97 7.67 -4.98 12.31
C GLY A 97 8.24 -5.58 11.04
N THR A 98 8.07 -6.88 10.88
CA THR A 98 8.59 -7.58 9.71
C THR A 98 8.34 -6.77 8.43
N ASN A 99 9.36 -6.74 7.59
CA ASN A 99 9.33 -6.04 6.31
C ASN A 99 8.75 -4.63 6.38
N ILE A 100 8.73 -4.07 7.57
CA ILE A 100 8.22 -2.72 7.76
C ILE A 100 9.46 -1.83 7.89
N ILE A 101 9.57 -0.83 7.01
CA ILE A 101 10.71 0.08 7.05
C ILE A 101 10.99 0.48 8.48
N LYS A 102 12.24 0.35 8.92
CA LYS A 102 12.61 0.70 10.29
C LYS A 102 13.02 2.16 10.49
N LEU A 103 12.30 2.84 11.36
CA LEU A 103 12.56 4.24 11.66
C LEU A 103 13.68 4.31 12.67
N ILE A 104 14.85 4.71 12.21
CA ILE A 104 15.97 4.81 13.10
C ILE A 104 15.77 5.86 14.18
N ASP A 105 15.57 7.11 13.78
CA ASP A 105 15.37 8.15 14.76
C ASP A 105 14.90 9.45 14.13
N THR A 106 13.99 10.12 14.81
CA THR A 106 13.43 11.40 14.35
C THR A 106 14.35 12.56 14.70
N VAL A 107 14.93 13.18 13.69
CA VAL A 107 15.84 14.30 13.92
C VAL A 107 15.44 15.52 13.12
N LYS A 108 15.72 16.70 13.67
CA LYS A 108 15.41 17.96 13.01
C LYS A 108 16.69 18.70 12.63
N ASP A 109 17.08 18.53 11.38
CA ASP A 109 18.28 19.15 10.85
C ASP A 109 18.21 20.66 11.09
N PRO A 110 18.87 21.15 12.16
CA PRO A 110 18.86 22.59 12.43
C PRO A 110 19.20 23.28 11.12
N VAL A 111 19.43 22.48 10.08
CA VAL A 111 19.76 22.98 8.75
C VAL A 111 18.80 24.11 8.45
N SER A 112 17.51 23.77 8.46
CA SER A 112 16.47 24.73 8.20
C SER A 112 15.81 24.86 9.57
N LYS A 113 16.12 23.87 10.41
CA LYS A 113 15.60 23.79 11.77
C LYS A 113 14.31 23.00 11.55
N THR A 114 14.32 22.22 10.49
CA THR A 114 13.21 21.39 10.09
C THR A 114 13.50 19.92 10.33
N PRO A 115 12.47 19.15 10.71
CA PRO A 115 12.47 17.72 11.02
C PRO A 115 12.74 16.77 9.86
N ALA A 116 13.33 15.62 10.14
CA ALA A 116 13.60 14.69 9.06
C ALA A 116 13.57 13.32 9.66
N LEU A 117 13.49 12.32 8.79
CA LEU A 117 13.46 10.95 9.25
C LEU A 117 14.73 10.29 8.81
N VAL A 118 15.22 9.38 9.64
CA VAL A 118 16.44 8.65 9.34
C VAL A 118 15.99 7.21 9.32
N PHE A 119 15.74 6.70 8.12
CA PHE A 119 15.29 5.34 7.92
C PHE A 119 16.45 4.40 7.70
N GLU A 120 16.23 3.13 7.98
CA GLU A 120 17.28 2.14 7.79
C GLU A 120 17.54 2.16 6.31
N TYR A 121 18.68 1.66 5.89
CA TYR A 121 18.98 1.64 4.48
C TYR A 121 18.97 0.25 3.88
N ILE A 122 18.23 0.11 2.79
CA ILE A 122 18.07 -1.15 2.05
C ILE A 122 18.44 -0.88 0.60
N ASN A 123 19.14 -1.81 -0.04
CA ASN A 123 19.50 -1.56 -1.43
C ASN A 123 18.45 -1.96 -2.45
N ASN A 124 17.56 -1.02 -2.75
CA ASN A 124 16.46 -1.18 -3.71
C ASN A 124 16.97 -1.30 -5.14
N THR A 125 16.24 -2.04 -5.99
CA THR A 125 16.65 -2.20 -7.39
C THR A 125 15.58 -1.91 -8.43
N ASP A 126 14.65 -1.01 -8.09
CA ASP A 126 13.56 -0.64 -9.00
C ASP A 126 12.88 -1.79 -9.73
N PHE A 127 11.61 -1.96 -9.42
CA PHE A 127 10.79 -3.00 -10.02
C PHE A 127 10.88 -2.98 -11.54
N LYS A 128 11.09 -1.81 -12.12
CA LYS A 128 11.19 -1.69 -13.57
C LYS A 128 12.04 -2.79 -14.19
N GLN A 129 13.33 -2.80 -13.83
CA GLN A 129 14.28 -3.79 -14.32
C GLN A 129 13.98 -5.14 -13.67
N LEU A 130 13.84 -5.09 -12.35
CA LEU A 130 13.54 -6.24 -11.51
C LEU A 130 12.32 -7.04 -11.93
N TYR A 131 11.14 -6.41 -11.97
CA TYR A 131 9.92 -7.10 -12.36
C TYR A 131 9.95 -7.70 -13.77
N GLN A 132 10.91 -8.59 -14.03
CA GLN A 132 10.98 -9.18 -15.36
C GLN A 132 11.93 -10.37 -15.29
N ILE A 133 12.68 -10.44 -14.21
CA ILE A 133 13.63 -11.52 -14.00
C ILE A 133 13.03 -12.43 -12.93
N LEU A 134 11.94 -11.96 -12.36
CA LEU A 134 11.25 -12.70 -11.32
C LEU A 134 10.89 -14.12 -11.76
N THR A 135 10.22 -14.85 -10.88
CA THR A 135 9.81 -16.20 -11.17
C THR A 135 8.61 -16.60 -10.32
N ASP A 136 7.82 -17.53 -10.84
CA ASP A 136 6.64 -17.99 -10.13
C ASP A 136 6.99 -17.99 -8.66
N PHE A 137 8.24 -18.36 -8.35
CA PHE A 137 8.72 -18.40 -6.98
C PHE A 137 9.03 -16.98 -6.55
N ASP A 138 10.04 -16.41 -7.20
CA ASP A 138 10.44 -15.05 -6.90
C ASP A 138 9.29 -14.18 -7.29
N ILE A 139 8.31 -14.12 -6.41
CA ILE A 139 7.11 -13.34 -6.60
C ILE A 139 6.25 -13.77 -5.44
N ARG A 140 5.94 -15.05 -5.40
CA ARG A 140 5.12 -15.56 -4.33
C ARG A 140 5.92 -15.15 -3.12
N PHE A 141 7.23 -15.31 -3.24
CA PHE A 141 8.17 -14.98 -2.19
C PHE A 141 8.07 -13.54 -1.66
N TYR A 142 8.03 -12.56 -2.56
CA TYR A 142 7.94 -11.18 -2.10
C TYR A 142 6.51 -10.81 -1.70
N MET A 143 5.55 -11.30 -2.47
CA MET A 143 4.17 -11.00 -2.15
C MET A 143 3.99 -11.37 -0.69
N TYR A 144 4.12 -12.66 -0.40
CA TYR A 144 3.99 -13.19 0.95
C TYR A 144 4.74 -12.27 1.91
N GLU A 145 5.98 -12.01 1.56
CA GLU A 145 6.84 -11.15 2.35
C GLU A 145 6.04 -9.88 2.50
N LEU A 146 5.84 -9.19 1.39
CA LEU A 146 5.08 -7.95 1.40
C LEU A 146 3.91 -8.09 2.35
N LEU A 147 3.12 -9.15 2.12
CA LEU A 147 1.96 -9.40 2.95
C LEU A 147 2.27 -9.36 4.45
N LYS A 148 3.27 -10.11 4.88
CA LYS A 148 3.69 -10.17 6.28
C LYS A 148 3.72 -8.77 6.84
N ALA A 149 4.04 -7.81 5.97
CA ALA A 149 4.11 -6.41 6.36
C ALA A 149 2.67 -5.90 6.50
N LEU A 150 1.92 -6.01 5.41
CA LEU A 150 0.54 -5.56 5.40
C LEU A 150 -0.27 -6.05 6.58
N ASP A 151 -0.31 -7.36 6.76
CA ASP A 151 -1.06 -7.94 7.86
C ASP A 151 -0.62 -7.39 9.20
N TYR A 152 0.67 -7.15 9.34
CA TYR A 152 1.18 -6.63 10.60
C TYR A 152 0.64 -5.23 10.90
N CYS A 153 0.75 -4.31 9.93
CA CYS A 153 0.26 -2.94 10.17
C CYS A 153 -1.25 -2.95 10.28
N HIS A 154 -1.87 -3.94 9.65
CA HIS A 154 -3.30 -4.06 9.68
C HIS A 154 -3.62 -4.51 11.09
N SER A 155 -2.89 -5.53 11.54
CA SER A 155 -3.08 -6.06 12.88
C SER A 155 -2.93 -4.96 13.91
N LYS A 156 -2.17 -3.93 13.56
CA LYS A 156 -1.93 -2.78 14.43
C LYS A 156 -2.78 -1.57 14.06
N GLY A 157 -4.02 -1.83 13.68
CA GLY A 157 -4.93 -0.76 13.32
C GLY A 157 -4.41 0.27 12.34
N ILE A 158 -3.59 -0.12 11.37
CA ILE A 158 -3.12 0.88 10.41
C ILE A 158 -3.13 0.42 8.96
N MET A 159 -3.61 1.29 8.09
CA MET A 159 -3.70 1.01 6.65
C MET A 159 -2.83 2.00 5.88
N HIS A 160 -1.60 1.56 5.62
CA HIS A 160 -0.60 2.32 4.90
C HIS A 160 -1.23 3.39 4.02
N ARG A 161 -2.22 3.01 3.22
CA ARG A 161 -2.88 3.96 2.34
C ARG A 161 -2.21 4.26 1.01
N ASP A 162 -1.10 3.58 0.72
CA ASP A 162 -0.39 3.81 -0.54
C ASP A 162 0.58 2.67 -0.89
N VAL A 163 0.04 1.63 -1.53
CA VAL A 163 0.86 0.50 -1.92
C VAL A 163 1.15 0.64 -3.40
N LYS A 164 2.41 0.42 -3.75
CA LYS A 164 2.89 0.51 -5.11
C LYS A 164 4.37 0.18 -5.11
N PRO A 165 4.88 -0.27 -6.26
CA PRO A 165 6.29 -0.63 -6.43
C PRO A 165 7.29 0.31 -5.79
N HIS A 166 7.14 1.60 -6.07
CA HIS A 166 8.04 2.62 -5.52
C HIS A 166 8.06 2.76 -4.00
N ASN A 167 7.24 1.95 -3.33
CA ASN A 167 7.16 1.98 -1.86
C ASN A 167 7.55 0.63 -1.36
N VAL A 168 7.83 -0.27 -2.29
CA VAL A 168 8.21 -1.62 -1.94
C VAL A 168 9.62 -2.00 -2.36
N MET A 169 10.62 -1.46 -1.68
CA MET A 169 12.01 -1.77 -2.02
C MET A 169 12.15 -3.28 -2.06
N ILE A 170 13.30 -3.74 -2.55
CA ILE A 170 13.54 -5.16 -2.62
C ILE A 170 14.99 -5.39 -2.94
N ASP A 171 15.70 -6.00 -2.02
CA ASP A 171 17.11 -6.27 -2.22
C ASP A 171 17.12 -7.64 -2.83
N HIS A 172 17.12 -7.73 -4.14
CA HIS A 172 17.10 -9.05 -4.73
C HIS A 172 18.44 -9.75 -4.57
N GLN A 173 19.51 -8.96 -4.49
CA GLN A 173 20.79 -9.60 -4.34
C GLN A 173 20.64 -10.26 -2.99
N GLN A 174 20.89 -9.52 -1.92
CA GLN A 174 20.73 -10.16 -0.63
C GLN A 174 19.44 -10.96 -0.77
N LYS A 175 18.30 -10.28 -0.87
CA LYS A 175 16.97 -10.90 -1.01
C LYS A 175 15.95 -10.41 0.03
N LYS A 176 15.92 -9.11 0.33
CA LYS A 176 14.96 -8.60 1.32
C LYS A 176 13.93 -7.58 0.82
N LEU A 177 12.83 -7.46 1.55
CA LEU A 177 11.75 -6.53 1.20
C LEU A 177 11.35 -5.61 2.33
N ARG A 178 11.24 -4.32 2.03
CA ARG A 178 10.85 -3.36 3.05
C ARG A 178 9.85 -2.34 2.52
N LEU A 179 8.60 -2.46 2.94
CA LEU A 179 7.58 -1.51 2.49
C LEU A 179 7.91 -0.14 3.04
N ILE A 180 8.81 0.56 2.37
CA ILE A 180 9.21 1.88 2.80
C ILE A 180 8.02 2.82 2.81
N ASP A 181 8.27 4.03 3.32
CA ASP A 181 7.29 5.09 3.40
C ASP A 181 6.03 4.82 4.19
N TRP A 182 5.44 5.89 4.70
CA TRP A 182 4.22 5.79 5.47
C TRP A 182 3.61 7.15 5.68
N GLY A 183 3.93 8.08 4.79
CA GLY A 183 3.40 9.44 4.91
C GLY A 183 1.92 9.66 4.61
N LEU A 184 1.27 8.71 3.95
CA LEU A 184 -0.15 8.84 3.64
C LEU A 184 -0.99 7.94 4.51
N ALA A 185 -0.33 7.00 5.20
CA ALA A 185 -1.05 6.08 6.07
C ALA A 185 -1.92 6.86 7.04
N GLU A 186 -2.64 6.12 7.90
CA GLU A 186 -3.54 6.70 8.90
C GLU A 186 -4.14 5.66 9.83
N PHE A 187 -4.85 6.11 10.86
CA PHE A 187 -5.47 5.20 11.81
C PHE A 187 -6.85 4.77 11.43
N TYR A 188 -7.16 3.52 11.73
CA TYR A 188 -8.45 2.95 11.43
C TYR A 188 -9.38 2.78 12.64
N HIS A 189 -10.41 3.61 12.70
CA HIS A 189 -11.39 3.57 13.78
C HIS A 189 -12.74 3.23 13.16
N PRO A 190 -13.46 2.29 13.79
CA PRO A 190 -14.78 1.79 13.39
C PRO A 190 -15.71 2.83 12.76
N ALA A 191 -15.58 2.98 11.44
CA ALA A 191 -16.39 3.91 10.69
C ALA A 191 -15.99 5.36 10.82
N GLN A 192 -15.48 5.92 9.73
CA GLN A 192 -15.06 7.31 9.69
C GLN A 192 -14.81 7.71 8.25
N GLU A 193 -15.61 8.63 7.72
CA GLU A 193 -15.43 9.05 6.33
C GLU A 193 -13.99 9.49 6.19
N TYR A 194 -13.26 8.76 5.35
CA TYR A 194 -11.85 9.04 5.09
C TYR A 194 -11.62 9.63 3.72
N ASN A 195 -10.88 10.73 3.65
CA ASN A 195 -10.61 11.34 2.36
C ASN A 195 -10.41 10.18 1.40
N VAL A 196 -10.87 10.33 0.16
CA VAL A 196 -10.75 9.29 -0.85
C VAL A 196 -9.64 9.67 -1.82
N ARG A 197 -9.17 10.89 -1.64
CA ARG A 197 -8.12 11.43 -2.47
C ARG A 197 -6.72 10.91 -2.15
N VAL A 198 -6.62 9.66 -1.70
CA VAL A 198 -5.31 9.08 -1.38
C VAL A 198 -4.92 7.93 -2.31
N ALA A 199 -3.65 7.53 -2.26
CA ALA A 199 -3.15 6.44 -3.10
C ALA A 199 -2.69 7.01 -4.46
N SER A 200 -2.51 6.14 -5.45
CA SER A 200 -2.08 6.59 -6.77
C SER A 200 -3.08 6.28 -7.86
N ARG A 201 -2.98 7.02 -8.97
CA ARG A 201 -3.87 6.84 -10.10
C ARG A 201 -3.71 5.50 -10.82
N TYR A 202 -3.27 4.47 -10.09
CA TYR A 202 -3.09 3.14 -10.69
C TYR A 202 -3.36 2.02 -9.69
N PHE A 203 -3.45 2.38 -8.41
CA PHE A 203 -3.71 1.40 -7.35
C PHE A 203 -4.93 1.84 -6.58
N LYS A 204 -5.09 3.14 -6.45
CA LYS A 204 -6.23 3.66 -5.74
C LYS A 204 -7.33 2.62 -6.05
N GLY A 205 -7.92 2.06 -5.00
CA GLY A 205 -8.96 1.07 -5.20
C GLY A 205 -10.22 1.61 -5.85
N PRO A 206 -11.09 0.75 -6.36
CA PRO A 206 -12.33 1.17 -7.01
C PRO A 206 -13.17 1.99 -6.04
N GLU A 207 -13.12 1.55 -4.79
CA GLU A 207 -13.83 2.18 -3.69
C GLU A 207 -13.50 3.67 -3.60
N LEU A 208 -12.23 3.99 -3.78
CA LEU A 208 -11.78 5.38 -3.72
C LEU A 208 -12.07 6.13 -5.01
N LEU A 209 -12.97 5.60 -5.81
CA LEU A 209 -13.30 6.27 -7.05
C LEU A 209 -14.68 6.87 -6.88
N VAL A 210 -15.55 6.11 -6.22
CA VAL A 210 -16.92 6.56 -5.96
C VAL A 210 -16.89 7.54 -4.79
N ASP A 211 -15.68 7.92 -4.40
CA ASP A 211 -15.49 8.84 -3.29
C ASP A 211 -16.23 8.24 -2.08
N TYR A 212 -15.94 6.96 -1.84
CA TYR A 212 -16.52 6.20 -0.75
C TYR A 212 -15.50 6.19 0.38
N GLN A 213 -15.66 7.10 1.33
CA GLN A 213 -14.75 7.22 2.46
C GLN A 213 -14.75 6.17 3.53
N MET A 214 -15.87 5.51 3.73
CA MET A 214 -15.87 4.49 4.77
C MET A 214 -15.08 3.25 4.43
N TYR A 215 -13.85 3.44 3.98
CA TYR A 215 -13.01 2.30 3.63
C TYR A 215 -12.19 1.85 4.84
N ASP A 216 -11.30 0.88 4.61
CA ASP A 216 -10.47 0.36 5.67
C ASP A 216 -9.29 -0.44 5.15
N TYR A 217 -8.61 -1.14 6.05
CA TYR A 217 -7.45 -1.95 5.68
C TYR A 217 -7.60 -2.54 4.28
N SER A 218 -8.81 -2.97 3.95
CA SER A 218 -9.11 -3.57 2.65
C SER A 218 -8.40 -2.87 1.51
N LEU A 219 -8.36 -1.55 1.58
CA LEU A 219 -7.72 -0.72 0.57
C LEU A 219 -6.30 -1.19 0.34
N ASP A 220 -5.61 -1.49 1.44
CA ASP A 220 -4.25 -1.95 1.37
C ASP A 220 -4.15 -3.22 0.55
N MET A 221 -5.28 -3.90 0.39
CA MET A 221 -5.30 -5.13 -0.37
C MET A 221 -5.55 -5.01 -1.87
N TRP A 222 -6.42 -4.09 -2.26
CA TRP A 222 -6.69 -3.92 -3.68
C TRP A 222 -5.33 -3.64 -4.28
N SER A 223 -4.66 -2.64 -3.72
CA SER A 223 -3.35 -2.27 -4.20
C SER A 223 -2.64 -3.60 -4.28
N LEU A 224 -2.24 -4.14 -3.14
CA LEU A 224 -1.54 -5.43 -3.12
C LEU A 224 -2.10 -6.30 -4.25
N GLY A 225 -3.39 -6.14 -4.54
CA GLY A 225 -3.99 -6.90 -5.61
C GLY A 225 -3.36 -6.48 -6.93
N CYS A 226 -3.41 -5.18 -7.21
CA CYS A 226 -2.86 -4.62 -8.45
C CYS A 226 -1.44 -5.06 -8.73
N MET A 227 -0.54 -4.95 -7.76
CA MET A 227 0.83 -5.37 -8.00
C MET A 227 0.86 -6.81 -8.53
N LEU A 228 0.42 -7.73 -7.68
CA LEU A 228 0.37 -9.15 -8.02
C LEU A 228 0.04 -9.38 -9.48
N ALA A 229 -1.07 -8.84 -9.94
CA ALA A 229 -1.50 -8.99 -11.33
C ALA A 229 -0.39 -8.60 -12.30
N SER A 230 0.10 -7.37 -12.14
CA SER A 230 1.15 -6.85 -12.98
C SER A 230 2.34 -7.76 -12.86
N MET A 231 2.63 -8.13 -11.63
CA MET A 231 3.75 -8.99 -11.37
C MET A 231 3.58 -10.34 -12.05
N ILE A 232 2.36 -10.87 -12.01
CA ILE A 232 2.08 -12.16 -12.62
C ILE A 232 1.84 -12.12 -14.12
N PHE A 233 1.10 -11.12 -14.59
CA PHE A 233 0.81 -11.03 -16.01
C PHE A 233 1.90 -10.36 -16.84
N ARG A 234 2.36 -9.21 -16.36
CA ARG A 234 3.42 -8.44 -17.01
C ARG A 234 3.02 -7.00 -17.37
N ARG A 235 1.87 -6.55 -16.91
CA ARG A 235 1.44 -5.17 -17.22
C ARG A 235 1.71 -4.22 -16.08
N GLU A 236 2.34 -3.09 -16.42
CA GLU A 236 2.68 -2.05 -15.42
C GLU A 236 2.29 -0.65 -15.85
N PRO A 237 1.23 -0.11 -15.26
CA PRO A 237 0.44 -0.81 -14.25
C PRO A 237 -0.58 -1.64 -14.97
N PHE A 238 -1.19 -2.60 -14.29
CA PHE A 238 -2.19 -3.44 -14.95
C PHE A 238 -3.38 -2.63 -15.43
N PHE A 239 -3.78 -1.65 -14.61
CA PHE A 239 -4.90 -0.76 -14.90
C PHE A 239 -4.25 0.59 -15.13
N HIS A 240 -3.54 0.68 -16.24
CA HIS A 240 -2.85 1.90 -16.62
C HIS A 240 -3.87 2.96 -17.04
N GLY A 241 -4.48 3.60 -16.06
CA GLY A 241 -5.49 4.60 -16.34
C GLY A 241 -5.11 6.01 -16.73
N GLN A 242 -6.09 6.73 -17.24
CA GLN A 242 -5.93 8.11 -17.65
C GLN A 242 -6.68 8.96 -16.62
N ASP A 243 -7.72 9.68 -17.06
CA ASP A 243 -8.50 10.51 -16.14
C ASP A 243 -8.57 9.72 -14.84
N ASN A 244 -8.67 10.42 -13.73
CA ASN A 244 -8.76 9.71 -12.48
C ASN A 244 -10.03 8.85 -12.69
N TYR A 245 -10.77 9.15 -13.76
CA TYR A 245 -12.01 8.44 -14.10
C TYR A 245 -11.78 7.27 -15.05
N ASP A 246 -10.84 7.40 -15.99
CA ASP A 246 -10.61 6.30 -16.89
C ASP A 246 -10.17 5.13 -15.99
N GLN A 247 -9.43 5.46 -14.94
CA GLN A 247 -8.94 4.46 -13.99
C GLN A 247 -10.06 3.59 -13.46
N LEU A 248 -11.31 4.01 -13.64
CA LEU A 248 -12.41 3.21 -13.15
C LEU A 248 -12.84 2.27 -14.27
N VAL A 249 -12.69 2.73 -15.50
CA VAL A 249 -13.07 1.88 -16.63
C VAL A 249 -11.99 0.86 -16.86
N ARG A 250 -10.74 1.30 -16.90
CA ARG A 250 -9.65 0.38 -17.12
C ARG A 250 -9.96 -0.87 -16.33
N ILE A 251 -10.60 -0.68 -15.17
CA ILE A 251 -10.98 -1.79 -14.30
C ILE A 251 -12.27 -2.40 -14.80
N ALA A 252 -13.31 -1.57 -14.86
CA ALA A 252 -14.63 -1.98 -15.33
C ALA A 252 -14.60 -3.04 -16.42
N LYS A 253 -13.62 -2.91 -17.30
CA LYS A 253 -13.46 -3.85 -18.40
C LYS A 253 -12.98 -5.21 -17.89
N VAL A 254 -12.41 -5.24 -16.68
CA VAL A 254 -11.95 -6.49 -16.13
C VAL A 254 -12.95 -7.10 -15.16
N LEU A 255 -13.33 -6.35 -14.13
CA LEU A 255 -14.30 -6.88 -13.17
C LEU A 255 -15.72 -6.92 -13.70
N GLY A 256 -16.00 -6.08 -14.69
CA GLY A 256 -17.34 -6.05 -15.30
C GLY A 256 -18.18 -4.81 -15.01
N THR A 257 -18.85 -4.30 -16.03
CA THR A 257 -19.68 -3.10 -15.86
C THR A 257 -20.87 -3.39 -14.95
N GLU A 258 -21.51 -4.53 -15.21
CA GLU A 258 -22.66 -4.93 -14.40
C GLU A 258 -22.12 -5.13 -13.01
N GLU A 259 -21.36 -6.21 -12.88
CA GLU A 259 -20.74 -6.59 -11.62
C GLU A 259 -20.45 -5.31 -10.83
N LEU A 260 -20.14 -4.24 -11.55
CA LEU A 260 -19.82 -2.97 -10.90
C LEU A 260 -21.05 -2.39 -10.20
N TYR A 261 -22.09 -2.09 -10.97
CA TYR A 261 -23.29 -1.53 -10.38
C TYR A 261 -23.70 -2.29 -9.13
N GLY A 262 -23.85 -3.60 -9.26
CA GLY A 262 -24.23 -4.39 -8.11
C GLY A 262 -23.52 -3.90 -6.87
N TYR A 263 -22.22 -3.64 -7.03
CA TYR A 263 -21.40 -3.13 -5.95
C TYR A 263 -21.97 -1.81 -5.43
N LEU A 264 -22.09 -0.82 -6.30
CA LEU A 264 -22.62 0.48 -5.89
C LEU A 264 -24.07 0.38 -5.43
N LYS A 265 -24.65 -0.80 -5.61
CA LYS A 265 -26.02 -1.00 -5.20
C LYS A 265 -25.79 -1.47 -3.78
N LYS A 266 -24.92 -2.47 -3.65
CA LYS A 266 -24.57 -3.06 -2.37
C LYS A 266 -24.36 -1.98 -1.30
N TYR A 267 -23.85 -0.83 -1.70
CA TYR A 267 -23.60 0.22 -0.73
C TYR A 267 -24.25 1.54 -1.06
N HIS A 268 -25.42 1.53 -1.69
CA HIS A 268 -26.09 2.78 -2.03
C HIS A 268 -25.07 3.79 -2.55
N ILE A 269 -24.84 3.78 -3.85
CA ILE A 269 -23.88 4.70 -4.39
C ILE A 269 -24.28 5.16 -5.76
N ASP A 270 -24.50 6.46 -5.89
CA ASP A 270 -24.89 7.04 -7.17
C ASP A 270 -23.63 7.39 -7.94
N LEU A 271 -23.39 6.65 -9.02
CA LEU A 271 -22.22 6.90 -9.82
C LEU A 271 -22.24 8.28 -10.46
N ASP A 272 -21.31 9.10 -10.05
CA ASP A 272 -21.19 10.46 -10.58
C ASP A 272 -21.50 10.39 -12.08
N PRO A 273 -22.03 11.46 -12.65
CA PRO A 273 -22.32 11.42 -14.08
C PRO A 273 -21.01 11.11 -14.78
N HIS A 274 -20.90 11.45 -16.06
CA HIS A 274 -19.64 11.16 -16.75
C HIS A 274 -19.56 9.68 -17.15
N PHE A 275 -19.03 8.86 -16.23
CA PHE A 275 -18.85 7.42 -16.40
C PHE A 275 -19.85 6.79 -17.35
N ASN A 276 -20.94 7.52 -17.51
CA ASN A 276 -22.01 7.10 -18.37
C ASN A 276 -21.38 7.04 -19.76
N ASP A 277 -20.96 8.17 -20.28
CA ASP A 277 -20.33 8.20 -21.59
C ASP A 277 -19.12 7.29 -21.58
N ILE A 278 -18.37 7.36 -20.48
CA ILE A 278 -17.15 6.57 -20.28
C ILE A 278 -17.30 5.05 -20.27
N LEU A 279 -17.79 4.51 -19.16
CA LEU A 279 -18.00 3.08 -18.95
C LEU A 279 -18.40 2.18 -20.12
N GLY A 280 -19.71 2.02 -20.31
CA GLY A 280 -20.20 1.17 -21.39
C GLY A 280 -20.69 -0.15 -20.82
N GLN A 281 -20.78 -1.18 -21.65
CA GLN A 281 -21.22 -2.47 -21.17
C GLN A 281 -20.17 -3.52 -21.46
N HIS A 282 -19.33 -3.77 -20.46
CA HIS A 282 -18.26 -4.74 -20.56
C HIS A 282 -18.62 -5.87 -19.59
N SER A 283 -18.14 -7.08 -19.86
CA SER A 283 -18.46 -8.20 -18.98
C SER A 283 -17.20 -8.85 -18.41
N ARG A 284 -17.22 -9.20 -17.13
CA ARG A 284 -16.08 -9.82 -16.48
C ARG A 284 -15.25 -10.66 -17.44
N LYS A 285 -13.94 -10.46 -17.43
CA LYS A 285 -13.04 -11.21 -18.30
C LYS A 285 -12.25 -12.30 -17.56
N ARG A 286 -12.28 -13.51 -18.10
CA ARG A 286 -11.56 -14.61 -17.48
C ARG A 286 -10.12 -14.13 -17.43
N TRP A 287 -9.53 -14.22 -16.25
CA TRP A 287 -8.17 -13.79 -16.06
C TRP A 287 -7.23 -14.54 -16.98
N GLU A 288 -7.74 -15.59 -17.59
CA GLU A 288 -6.92 -16.39 -18.52
C GLU A 288 -6.79 -15.50 -19.74
N ASN A 289 -7.73 -14.59 -19.88
CA ASN A 289 -7.70 -13.68 -21.00
C ASN A 289 -6.52 -12.74 -20.91
N PHE A 290 -5.49 -13.16 -20.19
CA PHE A 290 -4.30 -12.34 -20.03
C PHE A 290 -3.08 -13.21 -19.98
N ILE A 291 -3.25 -14.51 -20.12
CA ILE A 291 -2.11 -15.39 -20.06
C ILE A 291 -1.62 -15.93 -21.40
N HIS A 292 -0.59 -15.27 -21.92
CA HIS A 292 0.04 -15.62 -23.20
C HIS A 292 1.51 -16.01 -22.99
N SER A 293 2.15 -16.49 -24.05
CA SER A 293 3.55 -16.88 -23.94
C SER A 293 4.27 -15.91 -23.02
N GLU A 294 4.23 -14.65 -23.44
CA GLU A 294 4.85 -13.57 -22.72
C GLU A 294 4.89 -13.72 -21.19
N ASN A 295 3.91 -14.42 -20.60
CA ASN A 295 3.88 -14.59 -19.14
C ASN A 295 3.45 -15.99 -18.69
N ARG A 296 3.22 -16.85 -19.66
CA ARG A 296 2.81 -18.23 -19.45
C ARG A 296 3.39 -18.91 -18.20
N HIS A 297 4.70 -18.80 -17.99
CA HIS A 297 5.35 -19.42 -16.84
C HIS A 297 5.07 -18.80 -15.49
N LEU A 298 4.63 -17.54 -15.46
CA LEU A 298 4.36 -16.90 -14.17
C LEU A 298 3.00 -17.23 -13.57
N VAL A 299 2.00 -17.29 -14.43
CA VAL A 299 0.63 -17.60 -14.04
C VAL A 299 0.46 -18.96 -13.36
N SER A 300 -0.76 -19.49 -13.40
CA SER A 300 -1.08 -20.79 -12.80
C SER A 300 -2.44 -20.57 -12.16
N PRO A 301 -3.17 -21.66 -11.87
CA PRO A 301 -4.49 -21.52 -11.24
C PRO A 301 -4.44 -20.74 -9.92
N GLU A 302 -3.35 -20.97 -9.16
CA GLU A 302 -3.17 -20.30 -7.88
C GLU A 302 -3.38 -18.82 -8.06
N ALA A 303 -2.35 -18.18 -8.58
CA ALA A 303 -2.37 -16.75 -8.82
C ALA A 303 -3.69 -16.28 -9.41
N LEU A 304 -4.26 -17.07 -10.31
CA LEU A 304 -5.53 -16.68 -10.90
C LEU A 304 -6.58 -16.72 -9.80
N ASP A 305 -6.47 -17.75 -8.94
CA ASP A 305 -7.40 -17.95 -7.83
C ASP A 305 -7.20 -16.77 -6.90
N LEU A 306 -6.07 -16.77 -6.21
CA LEU A 306 -5.75 -15.71 -5.28
C LEU A 306 -6.08 -14.36 -5.88
N LEU A 307 -5.71 -14.19 -7.14
CA LEU A 307 -5.95 -12.94 -7.83
C LEU A 307 -7.42 -12.54 -7.92
N ASP A 308 -8.30 -13.50 -8.22
CA ASP A 308 -9.71 -13.19 -8.33
C ASP A 308 -10.31 -12.75 -7.00
N LYS A 309 -9.88 -13.39 -5.92
CA LYS A 309 -10.38 -13.07 -4.59
C LYS A 309 -9.79 -11.74 -4.05
N LEU A 310 -8.80 -11.20 -4.76
CA LEU A 310 -8.20 -9.94 -4.34
C LEU A 310 -8.83 -8.83 -5.15
N LEU A 311 -8.55 -8.81 -6.45
CA LEU A 311 -9.12 -7.76 -7.29
C LEU A 311 -10.63 -7.95 -7.46
N ARG A 312 -11.37 -7.49 -6.45
CA ARG A 312 -12.83 -7.58 -6.44
C ARG A 312 -13.42 -6.22 -6.13
N TYR A 313 -14.66 -5.99 -6.58
CA TYR A 313 -15.30 -4.72 -6.32
C TYR A 313 -15.67 -4.60 -4.85
N ASP A 314 -16.51 -5.51 -4.36
CA ASP A 314 -16.91 -5.43 -2.96
C ASP A 314 -15.65 -5.29 -2.14
N HIS A 315 -15.36 -4.07 -1.74
CA HIS A 315 -14.19 -3.76 -0.95
C HIS A 315 -14.22 -4.52 0.36
N GLN A 316 -15.26 -5.31 0.57
CA GLN A 316 -15.39 -6.09 1.79
C GLN A 316 -15.10 -7.57 1.57
N GLN A 317 -15.71 -8.13 0.53
CA GLN A 317 -15.52 -9.54 0.19
C GLN A 317 -14.13 -9.90 -0.32
N ARG A 318 -13.10 -9.17 0.10
CA ARG A 318 -11.76 -9.49 -0.37
C ARG A 318 -11.04 -10.30 0.67
N LEU A 319 -9.99 -11.00 0.25
CA LEU A 319 -9.24 -11.81 1.19
C LEU A 319 -8.66 -10.82 2.17
N THR A 320 -8.38 -11.29 3.38
CA THR A 320 -7.82 -10.43 4.41
C THR A 320 -6.31 -10.41 4.25
N ALA A 321 -5.63 -9.61 5.06
CA ALA A 321 -4.19 -9.54 4.95
C ALA A 321 -3.62 -10.91 5.29
N LYS A 322 -4.14 -11.53 6.33
CA LYS A 322 -3.68 -12.84 6.76
C LYS A 322 -4.23 -13.97 5.88
N GLU A 323 -5.54 -14.07 5.73
CA GLU A 323 -6.11 -15.11 4.89
C GLU A 323 -5.20 -15.32 3.69
N ALA A 324 -4.78 -14.20 3.10
CA ALA A 324 -3.90 -14.23 1.96
C ALA A 324 -2.75 -15.20 2.18
N MET A 325 -2.06 -15.02 3.29
CA MET A 325 -0.93 -15.86 3.65
C MET A 325 -1.28 -17.32 3.88
N GLU A 326 -2.50 -17.58 4.35
CA GLU A 326 -2.88 -18.96 4.58
C GLU A 326 -3.41 -19.55 3.27
N HIS A 327 -3.32 -18.78 2.20
CA HIS A 327 -3.77 -19.19 0.87
C HIS A 327 -2.73 -20.07 0.21
N PRO A 328 -3.19 -20.97 -0.67
CA PRO A 328 -2.41 -21.94 -1.44
C PRO A 328 -1.24 -21.37 -2.23
N TYR A 329 -1.54 -20.44 -3.14
CA TYR A 329 -0.51 -19.83 -3.97
C TYR A 329 0.81 -19.62 -3.23
N PHE A 330 0.75 -19.39 -1.93
CA PHE A 330 1.97 -19.18 -1.18
C PHE A 330 2.53 -20.43 -0.52
N TYR A 331 1.85 -21.54 -0.69
CA TYR A 331 2.33 -22.78 -0.07
C TYR A 331 3.77 -23.01 -0.48
N PRO A 332 4.10 -22.75 -1.74
CA PRO A 332 5.48 -22.97 -2.17
C PRO A 332 6.50 -22.38 -1.20
N VAL A 333 6.03 -21.79 -0.11
CA VAL A 333 6.93 -21.22 0.88
C VAL A 333 6.67 -21.77 2.27
N VAL A 334 7.56 -22.66 2.72
CA VAL A 334 7.45 -23.27 4.03
C VAL A 334 7.89 -22.17 5.00
N LYS A 335 7.62 -20.93 4.59
CA LYS A 335 7.93 -19.73 5.33
C LYS A 335 8.93 -19.99 6.46
N GLU A 336 10.21 -19.89 6.12
CA GLU A 336 11.28 -20.11 7.08
C GLU A 336 10.78 -19.79 8.48
N GLN A 337 10.39 -20.82 9.21
CA GLN A 337 9.88 -20.67 10.58
C GLN A 337 9.41 -22.03 11.09
N SER A 338 9.22 -22.96 10.16
CA SER A 338 8.78 -24.32 10.45
C SER A 338 8.82 -24.66 11.95
N GLN A 339 7.65 -24.97 12.50
CA GLN A 339 7.52 -25.32 13.92
C GLN A 339 6.54 -26.48 14.13
#